data_7R3I
#
_entry.id   7R3I
#
_cell.length_a   85.904
_cell.length_b   85.904
_cell.length_c   202.593
_cell.angle_alpha   90.000
_cell.angle_beta   90.000
_cell.angle_gamma   90.000
#
_symmetry.space_group_name_H-M   'P 41 21 2'
#
loop_
_entity.id
_entity.type
_entity.pdbx_description
1 polymer 'PROSS optimized variant of RhlR with 61 mutations'
2 non-polymer 4-(3-bromophenoxy)-N-[(3S)-2-oxothiolan-3-yl]butanamide
#
_entity_poly.entity_id   1
_entity_poly.type   'polypeptide(L)'
_entity_poly.pdbx_seq_one_letter_code
;MRNDGGFLDWWEDLRSEMQSITDSQEVFAVLEKEVRRLGFDYYAYCVRHPIPFTRPRIFMFGNYPPAWQEHYQAQNYFAI
DPTIRHCLRSGNHIVWSDDLFADAQELWDDARDYGLRHGATHSCMAPNGVMGFLSVARSSPAISPHEREELRLRMRCLIE
LLHQTLTELNHPSLQSNPVCLSHREREILQWTADGKSSGEIAIILSISESTVNFHHKNIQKKFDAPNKTLAAAYAAALGL
I
;
_entity_poly.pdbx_strand_id   A,B
#
loop_
_chem_comp.id
_chem_comp.type
_chem_comp.name
_chem_comp.formula
K5G non-polymer 4-(3-bromophenoxy)-N-[(3S)-2-oxothiolan-3-yl]butanamide 'C14 H16 Br N O3 S'
#
# COMPACT_ATOMS: atom_id res chain seq x y z
N PHE A 7 5.67 -6.89 -25.25
CA PHE A 7 4.58 -5.91 -25.14
C PHE A 7 3.34 -6.63 -24.57
N LEU A 8 2.15 -6.12 -24.88
CA LEU A 8 0.92 -6.78 -24.46
C LEU A 8 0.97 -8.28 -24.72
N ASP A 9 1.36 -8.67 -25.94
CA ASP A 9 1.46 -10.08 -26.28
C ASP A 9 2.36 -10.83 -25.29
N TRP A 10 3.34 -10.14 -24.69
CA TRP A 10 4.21 -10.80 -23.72
C TRP A 10 3.48 -11.01 -22.39
N TRP A 11 2.81 -9.97 -21.88
CA TRP A 11 2.10 -10.09 -20.63
C TRP A 11 1.00 -11.13 -20.71
N GLU A 12 0.25 -11.14 -21.82
CA GLU A 12 -0.80 -12.13 -21.99
C GLU A 12 -0.22 -13.54 -22.00
N ASP A 13 0.89 -13.74 -22.71
CA ASP A 13 1.51 -15.06 -22.74
C ASP A 13 2.09 -15.44 -21.38
N LEU A 14 2.58 -14.46 -20.63
CA LEU A 14 3.14 -14.75 -19.30
C LEU A 14 2.06 -15.16 -18.33
N ARG A 15 0.86 -14.58 -18.44
CA ARG A 15 -0.22 -14.91 -17.52
C ARG A 15 -0.65 -16.36 -17.68
N SER A 16 -0.64 -16.88 -18.92
CA SER A 16 -1.05 -18.26 -19.15
C SER A 16 -0.10 -19.22 -18.46
N GLU A 17 1.20 -18.92 -18.47
CA GLU A 17 2.17 -19.83 -17.86
C GLU A 17 2.01 -19.88 -16.35
N MET A 18 1.71 -18.74 -15.73
CA MET A 18 1.60 -18.70 -14.28
C MET A 18 0.28 -19.31 -13.81
N GLN A 19 -0.83 -18.94 -14.45
CA GLN A 19 -2.13 -19.48 -14.06
C GLN A 19 -2.15 -21.00 -14.17
N SER A 20 -1.34 -21.56 -15.07
CA SER A 20 -1.25 -23.01 -15.22
C SER A 20 -0.34 -23.65 -14.19
N ILE A 21 0.48 -22.87 -13.48
CA ILE A 21 1.39 -23.43 -12.49
C ILE A 21 0.61 -23.92 -11.30
N THR A 22 0.93 -25.13 -10.84
CA THR A 22 0.32 -25.72 -9.65
C THR A 22 1.36 -26.11 -8.60
N ASP A 23 2.56 -25.54 -8.69
CA ASP A 23 3.64 -25.83 -7.76
C ASP A 23 4.42 -24.56 -7.50
N SER A 24 4.78 -24.32 -6.24
CA SER A 24 5.47 -23.08 -5.88
C SER A 24 6.82 -22.98 -6.57
N GLN A 25 7.59 -24.07 -6.59
CA GLN A 25 8.89 -24.04 -7.24
C GLN A 25 8.78 -23.75 -8.73
N GLU A 26 7.66 -24.13 -9.34
CA GLU A 26 7.46 -23.84 -10.75
C GLU A 26 7.26 -22.35 -11.01
N VAL A 27 6.75 -21.62 -10.02
CA VAL A 27 6.59 -20.18 -10.17
C VAL A 27 7.94 -19.48 -10.13
N PHE A 28 8.80 -19.88 -9.19
CA PHE A 28 10.14 -19.31 -9.12
C PHE A 28 10.97 -19.68 -10.35
N ALA A 29 10.70 -20.84 -10.95
CA ALA A 29 11.43 -21.24 -12.16
C ALA A 29 11.06 -20.34 -13.33
N VAL A 30 9.76 -20.10 -13.53
CA VAL A 30 9.34 -19.23 -14.62
C VAL A 30 9.82 -17.81 -14.39
N LEU A 31 9.82 -17.36 -13.13
CA LEU A 31 10.33 -16.03 -12.82
C LEU A 31 11.79 -15.89 -13.25
N GLU A 32 12.61 -16.88 -12.92
CA GLU A 32 14.03 -16.82 -13.28
C GLU A 32 14.19 -16.70 -14.80
N LYS A 33 13.32 -17.39 -15.56
CA LYS A 33 13.39 -17.27 -17.01
C LYS A 33 13.03 -15.87 -17.48
N GLU A 34 12.22 -15.14 -16.71
CA GLU A 34 11.85 -13.78 -17.08
C GLU A 34 12.96 -12.79 -16.73
N VAL A 35 13.65 -13.01 -15.60
CA VAL A 35 14.75 -12.12 -15.24
C VAL A 35 15.85 -12.16 -16.28
N ARG A 36 16.07 -13.33 -16.89
CA ARG A 36 17.04 -13.40 -17.97
C ARG A 36 16.57 -12.60 -19.18
N ARG A 37 15.27 -12.70 -19.51
CA ARG A 37 14.75 -11.98 -20.67
C ARG A 37 14.89 -10.48 -20.51
N LEU A 38 14.84 -9.98 -19.28
CA LEU A 38 15.03 -8.55 -19.04
C LEU A 38 16.48 -8.12 -19.17
N GLY A 39 17.41 -9.06 -19.20
CA GLY A 39 18.83 -8.74 -19.28
C GLY A 39 19.48 -8.68 -17.93
N PHE A 40 19.11 -9.59 -17.03
CA PHE A 40 19.64 -9.63 -15.68
C PHE A 40 19.91 -11.07 -15.26
N ASP A 41 20.97 -11.25 -14.48
CA ASP A 41 21.39 -12.59 -14.11
C ASP A 41 20.60 -13.12 -12.90
N TYR A 42 20.58 -12.36 -11.81
CA TYR A 42 20.06 -12.84 -10.55
C TYR A 42 18.88 -12.00 -10.09
N TYR A 43 18.13 -12.53 -9.14
CA TYR A 43 16.93 -11.89 -8.62
C TYR A 43 16.81 -12.16 -7.14
N ALA A 44 15.81 -11.53 -6.52
CA ALA A 44 15.50 -11.76 -5.11
C ALA A 44 14.14 -11.17 -4.78
N TYR A 45 13.26 -11.97 -4.19
CA TYR A 45 11.94 -11.53 -3.76
C TYR A 45 11.90 -11.58 -2.24
N CYS A 46 11.21 -10.60 -1.65
CA CYS A 46 11.19 -10.44 -0.20
CA CYS A 46 11.19 -10.45 -0.20
C CYS A 46 9.80 -10.04 0.26
N VAL A 47 9.34 -10.66 1.34
CA VAL A 47 8.07 -10.33 1.98
C VAL A 47 8.40 -9.67 3.32
N ARG A 48 7.81 -8.51 3.57
CA ARG A 48 7.99 -7.80 4.83
C ARG A 48 6.62 -7.57 5.47
N HIS A 49 6.31 -8.34 6.49
CA HIS A 49 5.09 -8.13 7.25
C HIS A 49 5.27 -6.92 8.17
N PRO A 50 4.19 -6.19 8.45
CA PRO A 50 4.32 -4.97 9.27
C PRO A 50 4.54 -5.24 10.74
N ILE A 51 4.11 -6.39 11.25
CA ILE A 51 4.18 -6.67 12.68
C ILE A 51 5.01 -7.93 12.91
N PRO A 52 5.71 -8.04 14.05
CA PRO A 52 5.85 -7.03 15.12
C PRO A 52 6.64 -5.80 14.67
N PHE A 53 6.35 -4.66 15.29
CA PHE A 53 7.01 -3.42 14.89
C PHE A 53 8.50 -3.41 15.23
N THR A 54 8.93 -4.23 16.19
CA THR A 54 10.34 -4.26 16.59
C THR A 54 11.14 -5.31 15.83
N ARG A 55 10.54 -6.45 15.50
CA ARG A 55 11.20 -7.51 14.74
C ARG A 55 10.23 -8.05 13.70
N PRO A 56 9.97 -7.28 12.65
CA PRO A 56 8.98 -7.71 11.64
C PRO A 56 9.36 -9.04 11.00
N ARG A 57 8.33 -9.82 10.68
CA ARG A 57 8.52 -11.07 9.95
C ARG A 57 9.00 -10.77 8.53
N ILE A 58 10.15 -11.33 8.15
CA ILE A 58 10.72 -11.11 6.83
C ILE A 58 11.12 -12.48 6.26
N PHE A 59 10.61 -12.79 5.07
CA PHE A 59 11.03 -13.98 4.33
C PHE A 59 11.83 -13.54 3.11
N MET A 60 12.85 -14.33 2.75
CA MET A 60 13.73 -13.99 1.65
C MET A 60 13.97 -15.22 0.78
N PHE A 61 13.89 -15.02 -0.54
CA PHE A 61 14.23 -16.05 -1.50
C PHE A 61 14.86 -15.38 -2.72
N GLY A 62 15.68 -16.13 -3.43
CA GLY A 62 16.34 -15.60 -4.60
C GLY A 62 17.51 -16.48 -4.99
N ASN A 63 17.95 -16.29 -6.24
CA ASN A 63 19.04 -17.08 -6.82
C ASN A 63 20.35 -16.32 -6.85
N TYR A 64 20.63 -15.51 -5.82
CA TYR A 64 21.94 -14.89 -5.70
C TYR A 64 23.01 -15.97 -5.54
N PRO A 65 24.25 -15.65 -5.89
CA PRO A 65 25.35 -16.62 -5.66
C PRO A 65 25.40 -17.03 -4.21
N PRO A 66 25.70 -18.29 -3.91
CA PRO A 66 25.65 -18.74 -2.51
C PRO A 66 26.60 -18.00 -1.60
N ALA A 67 27.77 -17.60 -2.09
CA ALA A 67 28.71 -16.86 -1.26
C ALA A 67 28.09 -15.58 -0.73
N TRP A 68 27.29 -14.90 -1.56
CA TRP A 68 26.67 -13.64 -1.14
C TRP A 68 25.56 -13.88 -0.13
N GLN A 69 24.75 -14.92 -0.34
CA GLN A 69 23.61 -15.15 0.54
C GLN A 69 24.05 -15.35 1.98
N GLU A 70 25.10 -16.16 2.20
CA GLU A 70 25.59 -16.38 3.56
C GLU A 70 26.55 -15.29 4.00
N HIS A 71 27.03 -14.45 3.09
CA HIS A 71 27.71 -13.23 3.50
C HIS A 71 26.70 -12.14 3.85
N TYR A 72 25.59 -12.10 3.13
CA TYR A 72 24.52 -11.14 3.42
C TYR A 72 23.89 -11.41 4.78
N GLN A 73 23.53 -12.66 5.04
CA GLN A 73 22.86 -13.00 6.30
C GLN A 73 23.82 -13.02 7.48
N ALA A 74 25.13 -13.04 7.23
CA ALA A 74 26.10 -13.02 8.32
C ALA A 74 26.40 -11.61 8.81
N GLN A 75 26.04 -10.59 8.04
CA GLN A 75 26.28 -9.21 8.42
C GLN A 75 25.03 -8.50 8.94
N ASN A 76 23.92 -9.23 9.08
CA ASN A 76 22.62 -8.61 9.35
C ASN A 76 22.39 -7.44 8.40
N TYR A 77 22.58 -7.70 7.11
CA TYR A 77 22.44 -6.65 6.11
C TYR A 77 20.98 -6.31 5.83
N PHE A 78 20.04 -7.16 6.24
CA PHE A 78 18.63 -6.85 6.03
C PHE A 78 18.18 -5.69 6.89
N ALA A 79 18.95 -5.32 7.93
CA ALA A 79 18.57 -4.25 8.83
C ALA A 79 18.95 -2.88 8.32
N ILE A 80 19.95 -2.78 7.44
CA ILE A 80 20.42 -1.50 6.93
C ILE A 80 20.34 -1.42 5.42
N ASP A 81 19.66 -2.36 4.78
CA ASP A 81 19.53 -2.36 3.32
C ASP A 81 18.47 -1.34 2.91
N PRO A 82 18.82 -0.31 2.13
CA PRO A 82 17.80 0.67 1.73
C PRO A 82 16.76 0.12 0.78
N THR A 83 17.06 -0.95 0.04
CA THR A 83 16.15 -1.47 -0.96
C THR A 83 14.98 -2.26 -0.38
N ILE A 84 14.96 -2.48 0.94
CA ILE A 84 13.84 -3.17 1.57
C ILE A 84 13.34 -2.34 2.75
N ARG A 85 13.33 -1.03 2.59
CA ARG A 85 12.81 -0.15 3.63
C ARG A 85 11.32 0.10 3.40
N HIS A 86 10.57 0.14 4.50
CA HIS A 86 9.14 0.42 4.43
C HIS A 86 8.92 1.91 4.10
N CYS A 87 9.41 2.34 2.94
CA CYS A 87 9.44 3.75 2.57
C CYS A 87 8.64 3.98 1.31
N LEU A 88 8.41 5.26 1.01
CA LEU A 88 7.62 5.66 -0.16
C LEU A 88 8.59 5.97 -1.31
N ARG A 89 8.83 4.97 -2.15
CA ARG A 89 9.59 5.18 -3.37
C ARG A 89 8.82 6.08 -4.32
N SER A 90 9.55 6.92 -5.06
CA SER A 90 8.90 7.90 -5.92
C SER A 90 7.96 7.24 -6.92
N GLY A 91 8.21 5.98 -7.26
CA GLY A 91 7.33 5.25 -8.16
C GLY A 91 7.32 3.78 -7.84
N ASN A 92 7.44 3.43 -6.55
CA ASN A 92 7.60 2.05 -6.12
C ASN A 92 8.82 1.40 -6.77
N HIS A 93 9.86 2.20 -7.01
CA HIS A 93 10.93 1.79 -7.90
C HIS A 93 12.14 2.69 -7.69
N ILE A 94 13.32 2.09 -7.70
CA ILE A 94 14.57 2.84 -7.60
C ILE A 94 15.68 2.01 -8.23
N VAL A 95 16.46 2.63 -9.11
CA VAL A 95 17.61 2.00 -9.73
C VAL A 95 18.81 2.20 -8.82
N TRP A 96 19.59 1.14 -8.63
CA TRP A 96 20.71 1.19 -7.70
C TRP A 96 21.72 2.24 -8.15
N SER A 97 22.34 2.90 -7.18
CA SER A 97 23.35 3.91 -7.45
C SER A 97 24.21 4.08 -6.21
N ASP A 98 25.42 4.60 -6.41
CA ASP A 98 26.32 4.84 -5.29
C ASP A 98 25.68 5.74 -4.25
N ASP A 99 24.75 6.60 -4.66
CA ASP A 99 24.09 7.51 -3.74
C ASP A 99 23.00 6.81 -2.93
N LEU A 100 22.35 5.79 -3.51
CA LEU A 100 21.30 5.09 -2.79
C LEU A 100 21.82 4.42 -1.53
N PHE A 101 23.07 3.94 -1.56
CA PHE A 101 23.66 3.21 -0.44
C PHE A 101 24.56 4.08 0.42
N ALA A 102 24.24 5.37 0.54
CA ALA A 102 25.10 6.27 1.31
C ALA A 102 25.12 5.86 2.78
N ASP A 103 23.97 5.53 3.35
CA ASP A 103 23.87 5.14 4.74
C ASP A 103 24.11 3.65 4.96
N ALA A 104 24.62 2.94 3.96
CA ALA A 104 24.89 1.52 4.05
C ALA A 104 26.06 1.17 3.13
N GLN A 105 27.22 1.78 3.41
CA GLN A 105 28.35 1.65 2.50
C GLN A 105 28.97 0.27 2.56
N GLU A 106 29.04 -0.33 3.75
CA GLU A 106 29.59 -1.67 3.86
C GLU A 106 28.83 -2.66 2.99
N LEU A 107 27.51 -2.47 2.85
CA LEU A 107 26.71 -3.34 1.98
C LEU A 107 27.04 -3.11 0.51
N TRP A 108 27.19 -1.84 0.11
CA TRP A 108 27.39 -1.55 -1.30
C TRP A 108 28.79 -1.92 -1.75
N ASP A 109 29.80 -1.68 -0.90
CA ASP A 109 31.16 -2.06 -1.27
C ASP A 109 31.29 -3.58 -1.37
N ASP A 110 30.71 -4.31 -0.43
CA ASP A 110 30.71 -5.77 -0.51
C ASP A 110 29.94 -6.24 -1.74
N ALA A 111 28.78 -5.61 -2.00
CA ALA A 111 27.94 -6.03 -3.12
C ALA A 111 28.67 -5.87 -4.45
N ARG A 112 29.36 -4.76 -4.64
CA ARG A 112 30.10 -4.57 -5.88
C ARG A 112 31.31 -5.48 -5.95
N ASP A 113 31.98 -5.71 -4.82
CA ASP A 113 33.07 -6.67 -4.80
C ASP A 113 32.58 -8.05 -5.24
N TYR A 114 31.40 -8.47 -4.77
CA TYR A 114 30.86 -9.77 -5.11
C TYR A 114 30.19 -9.80 -6.49
N GLY A 115 30.19 -8.69 -7.22
CA GLY A 115 29.70 -8.68 -8.58
C GLY A 115 28.26 -8.26 -8.75
N LEU A 116 27.61 -7.73 -7.71
CA LEU A 116 26.26 -7.20 -7.81
C LEU A 116 26.39 -5.68 -7.97
N ARG A 117 26.74 -5.27 -9.19
CA ARG A 117 27.12 -3.89 -9.45
C ARG A 117 26.03 -3.06 -10.08
N HIS A 118 25.06 -3.69 -10.75
CA HIS A 118 24.00 -2.96 -11.43
C HIS A 118 22.69 -3.70 -11.18
N GLY A 119 21.65 -2.95 -10.85
CA GLY A 119 20.36 -3.56 -10.58
C GLY A 119 19.34 -2.52 -10.17
N ALA A 120 18.14 -3.02 -9.87
CA ALA A 120 17.01 -2.17 -9.50
C ALA A 120 16.05 -2.98 -8.65
N THR A 121 15.32 -2.29 -7.78
CA THR A 121 14.37 -2.91 -6.86
C THR A 121 13.00 -2.27 -7.02
N HIS A 122 11.97 -3.11 -6.99
CA HIS A 122 10.58 -2.69 -7.14
C HIS A 122 9.76 -3.24 -5.99
N SER A 123 8.89 -2.41 -5.42
CA SER A 123 8.14 -2.79 -4.22
C SER A 123 6.65 -2.60 -4.47
N CYS A 124 5.85 -3.50 -3.90
CA CYS A 124 4.40 -3.42 -3.95
C CYS A 124 3.85 -3.56 -2.54
N MET A 125 2.84 -2.76 -2.20
CA MET A 125 2.27 -2.75 -0.87
C MET A 125 0.87 -3.37 -0.93
N ALA A 126 0.80 -4.67 -0.67
CA ALA A 126 -0.49 -5.33 -0.54
C ALA A 126 -1.24 -4.72 0.65
N PRO A 127 -2.57 -4.55 0.54
CA PRO A 127 -3.32 -3.89 1.63
C PRO A 127 -3.37 -4.68 2.93
N ASN A 128 -2.90 -5.93 2.93
CA ASN A 128 -2.84 -6.73 4.15
C ASN A 128 -1.67 -6.32 5.06
N GLY A 129 -1.03 -5.18 4.79
CA GLY A 129 0.13 -4.76 5.53
C GLY A 129 1.45 -5.33 5.02
N VAL A 130 1.38 -6.38 4.22
CA VAL A 130 2.58 -7.01 3.66
C VAL A 130 3.11 -6.14 2.53
N MET A 131 4.42 -5.89 2.53
CA MET A 131 5.08 -5.13 1.47
C MET A 131 6.08 -6.05 0.78
N GLY A 132 5.81 -6.40 -0.47
CA GLY A 132 6.72 -7.23 -1.24
C GLY A 132 7.76 -6.41 -1.98
N PHE A 133 8.95 -6.99 -2.12
CA PHE A 133 10.07 -6.35 -2.81
C PHE A 133 10.64 -7.31 -3.83
N LEU A 134 11.08 -6.77 -4.97
CA LEU A 134 11.67 -7.57 -6.04
C LEU A 134 12.90 -6.86 -6.57
N SER A 135 14.01 -7.59 -6.63
CA SER A 135 15.28 -7.05 -7.09
C SER A 135 15.79 -7.85 -8.28
N VAL A 136 16.58 -7.19 -9.13
CA VAL A 136 17.29 -7.84 -10.24
C VAL A 136 18.70 -7.27 -10.27
N ALA A 137 19.66 -8.09 -10.66
CA ALA A 137 21.06 -7.67 -10.60
C ALA A 137 21.88 -8.32 -11.70
N ARG A 138 22.94 -7.63 -12.08
CA ARG A 138 23.89 -8.12 -13.07
C ARG A 138 25.22 -7.43 -12.83
N SER A 139 26.22 -7.79 -13.64
CA SER A 139 27.57 -7.27 -13.46
C SER A 139 28.09 -6.46 -14.63
N SER A 140 27.84 -6.91 -15.86
CA SER A 140 28.57 -6.36 -17.00
C SER A 140 27.96 -5.05 -17.47
N PRO A 141 26.73 -5.04 -18.01
CA PRO A 141 26.20 -3.81 -18.61
C PRO A 141 25.43 -2.92 -17.64
N ALA A 142 25.86 -1.66 -17.52
CA ALA A 142 25.11 -0.72 -16.68
C ALA A 142 23.72 -0.52 -17.25
N ILE A 143 22.79 -0.16 -16.37
CA ILE A 143 21.42 0.11 -16.78
C ILE A 143 21.42 1.45 -17.51
N SER A 144 21.26 1.43 -18.82
CA SER A 144 21.29 2.64 -19.61
C SER A 144 19.95 3.38 -19.53
N PRO A 145 19.96 4.70 -19.66
CA PRO A 145 18.70 5.46 -19.48
C PRO A 145 17.58 5.07 -20.43
N HIS A 146 17.90 4.45 -21.57
CA HIS A 146 16.85 4.16 -22.55
C HIS A 146 16.02 2.95 -22.17
N GLU A 147 16.56 2.01 -21.40
CA GLU A 147 15.81 0.83 -20.99
C GLU A 147 15.16 0.96 -19.62
N ARG A 148 15.32 2.11 -18.96
CA ARG A 148 14.84 2.26 -17.59
C ARG A 148 13.32 2.14 -17.52
N GLU A 149 12.61 3.06 -18.18
CA GLU A 149 11.16 3.11 -18.04
C GLU A 149 10.52 1.79 -18.46
N GLU A 150 11.06 1.16 -19.51
CA GLU A 150 10.54 -0.14 -19.92
C GLU A 150 10.82 -1.20 -18.86
N LEU A 151 11.93 -1.06 -18.12
CA LEU A 151 12.22 -1.99 -17.04
C LEU A 151 11.29 -1.75 -15.85
N ARG A 152 11.03 -0.50 -15.52
CA ARG A 152 10.10 -0.18 -14.44
C ARG A 152 8.72 -0.77 -14.72
N LEU A 153 8.28 -0.75 -15.98
CA LEU A 153 6.97 -1.30 -16.32
C LEU A 153 6.97 -2.82 -16.23
N ARG A 154 7.97 -3.46 -16.84
CA ARG A 154 8.00 -4.92 -16.87
C ARG A 154 8.17 -5.51 -15.48
N MET A 155 8.84 -4.79 -14.57
CA MET A 155 9.04 -5.32 -13.23
C MET A 155 7.79 -5.15 -12.36
N ARG A 156 7.04 -4.06 -12.56
CA ARG A 156 5.79 -3.89 -11.82
C ARG A 156 4.81 -5.01 -12.15
N CYS A 157 4.73 -5.40 -13.42
CA CYS A 157 3.90 -6.53 -13.79
C CYS A 157 4.43 -7.83 -13.20
N LEU A 158 5.74 -7.96 -13.08
CA LEU A 158 6.32 -9.22 -12.64
C LEU A 158 6.07 -9.46 -11.16
N ILE A 159 6.06 -8.40 -10.36
CA ILE A 159 5.88 -8.57 -8.92
C ILE A 159 4.39 -8.64 -8.57
N GLU A 160 3.53 -7.96 -9.33
CA GLU A 160 2.09 -8.06 -9.10
C GLU A 160 1.60 -9.47 -9.40
N LEU A 161 1.97 -10.01 -10.56
CA LEU A 161 1.61 -11.38 -10.90
C LEU A 161 2.29 -12.39 -9.98
N LEU A 162 3.41 -12.02 -9.37
CA LEU A 162 4.10 -12.91 -8.44
C LEU A 162 3.38 -12.95 -7.10
N HIS A 163 3.02 -11.79 -6.56
CA HIS A 163 2.26 -11.75 -5.33
C HIS A 163 0.96 -12.55 -5.46
N GLN A 164 0.14 -12.18 -6.44
CA GLN A 164 -1.12 -12.89 -6.66
C GLN A 164 -0.90 -14.39 -6.80
N THR A 165 -0.16 -14.79 -7.83
CA THR A 165 0.11 -16.21 -8.08
C THR A 165 0.54 -16.93 -6.81
N LEU A 166 1.25 -16.23 -5.93
CA LEU A 166 1.70 -16.85 -4.68
C LEU A 166 0.62 -16.86 -3.62
N THR A 167 -0.31 -15.90 -3.65
CA THR A 167 -1.44 -15.93 -2.72
C THR A 167 -2.47 -16.97 -3.14
N GLU A 168 -2.75 -17.07 -4.45
CA GLU A 168 -3.66 -18.09 -4.95
C GLU A 168 -3.13 -19.50 -4.71
N LEU A 169 -1.86 -19.65 -4.35
CA LEU A 169 -1.29 -20.94 -4.01
C LEU A 169 -1.21 -21.17 -2.51
N ASN A 170 -1.60 -20.17 -1.70
CA ASN A 170 -1.62 -20.31 -0.25
C ASN A 170 -0.23 -20.56 0.32
N HIS A 171 0.76 -19.87 -0.24
CA HIS A 171 2.12 -19.97 0.28
C HIS A 171 2.17 -19.32 1.66
N PRO A 172 2.78 -19.95 2.67
CA PRO A 172 2.76 -19.35 4.01
C PRO A 172 3.80 -18.25 4.17
N SER A 173 4.21 -17.64 3.06
CA SER A 173 4.98 -16.41 3.11
C SER A 173 4.07 -15.19 3.04
N LEU A 174 2.97 -15.29 2.30
CA LEU A 174 2.04 -14.17 2.13
C LEU A 174 0.97 -14.15 3.22
N GLN A 175 0.69 -15.27 3.86
CA GLN A 175 -0.37 -15.35 4.85
C GLN A 175 0.06 -14.72 6.17
N SER A 176 -0.90 -14.11 6.85
CA SER A 176 -0.70 -13.54 8.17
C SER A 176 -1.71 -14.14 9.13
N ASN A 177 -1.44 -13.98 10.43
CA ASN A 177 -2.29 -14.56 11.46
C ASN A 177 -3.71 -14.03 11.33
N PRO A 178 -4.71 -14.88 11.12
CA PRO A 178 -6.09 -14.38 10.98
C PRO A 178 -6.55 -13.64 12.22
N VAL A 179 -7.49 -12.71 12.04
CA VAL A 179 -8.06 -11.93 13.14
C VAL A 179 -9.39 -11.35 12.68
N CYS A 180 -10.44 -12.18 12.64
CA CYS A 180 -11.75 -11.73 12.23
C CYS A 180 -12.35 -10.85 13.32
N LEU A 181 -12.63 -9.60 12.99
CA LEU A 181 -13.11 -8.62 13.96
C LEU A 181 -14.60 -8.37 13.78
N SER A 182 -15.32 -8.22 14.89
CA SER A 182 -16.75 -8.03 14.86
C SER A 182 -17.12 -6.65 14.32
N HIS A 183 -18.37 -6.53 13.86
CA HIS A 183 -18.83 -5.27 13.31
C HIS A 183 -18.84 -4.17 14.37
N ARG A 184 -19.05 -4.52 15.64
CA ARG A 184 -19.01 -3.54 16.70
C ARG A 184 -17.64 -3.43 17.35
N GLU A 185 -16.95 -4.56 17.56
CA GLU A 185 -15.58 -4.50 18.06
C GLU A 185 -14.71 -3.64 17.16
N ARG A 186 -14.98 -3.65 15.85
CA ARG A 186 -14.24 -2.80 14.93
C ARG A 186 -14.59 -1.33 15.14
N GLU A 187 -15.86 -1.03 15.43
CA GLU A 187 -16.24 0.34 15.72
C GLU A 187 -15.63 0.81 17.04
N ILE A 188 -15.59 -0.06 18.06
CA ILE A 188 -15.01 0.31 19.34
C ILE A 188 -13.52 0.59 19.17
N LEU A 189 -12.81 -0.31 18.49
CA LEU A 189 -11.36 -0.13 18.32
C LEU A 189 -11.04 1.10 17.50
N GLN A 190 -11.88 1.42 16.51
CA GLN A 190 -11.71 2.67 15.76
C GLN A 190 -11.76 3.87 16.71
N TRP A 191 -12.78 3.91 17.56
CA TRP A 191 -12.91 5.01 18.51
C TRP A 191 -11.75 5.02 19.50
N THR A 192 -11.37 3.84 19.98
CA THR A 192 -10.19 3.75 20.84
C THR A 192 -8.96 4.28 20.12
N ALA A 193 -8.77 3.87 18.86
CA ALA A 193 -7.64 4.33 18.08
C ALA A 193 -7.68 5.82 17.81
N ASP A 194 -8.86 6.44 17.86
CA ASP A 194 -8.99 7.88 17.73
C ASP A 194 -8.86 8.61 19.07
N GLY A 195 -8.31 7.95 20.09
CA GLY A 195 -7.99 8.60 21.34
C GLY A 195 -9.12 8.68 22.34
N LYS A 196 -10.26 8.08 22.06
CA LYS A 196 -11.40 8.12 22.97
C LYS A 196 -11.24 7.08 24.08
N SER A 197 -11.68 7.44 25.27
CA SER A 197 -11.56 6.57 26.43
C SER A 197 -12.68 5.55 26.46
N SER A 198 -12.50 4.52 27.29
CA SER A 198 -13.54 3.51 27.45
C SER A 198 -14.86 4.15 27.89
N GLY A 199 -14.79 5.26 28.61
CA GLY A 199 -15.98 5.96 29.07
C GLY A 199 -16.59 6.82 27.98
N GLU A 200 -15.76 7.61 27.29
CA GLU A 200 -16.27 8.42 26.18
C GLU A 200 -16.92 7.55 25.12
N ILE A 201 -16.34 6.38 24.84
CA ILE A 201 -16.91 5.49 23.83
C ILE A 201 -18.33 5.08 24.23
N ALA A 202 -18.54 4.79 25.51
CA ALA A 202 -19.86 4.37 25.98
C ALA A 202 -20.90 5.45 25.73
N ILE A 203 -20.50 6.72 25.77
CA ILE A 203 -21.46 7.81 25.56
C ILE A 203 -21.83 7.93 24.09
N ILE A 204 -20.85 7.74 23.19
CA ILE A 204 -21.11 7.92 21.77
C ILE A 204 -22.04 6.84 21.25
N LEU A 205 -21.87 5.60 21.72
CA LEU A 205 -22.66 4.47 21.25
C LEU A 205 -23.84 4.14 22.15
N SER A 206 -24.01 4.85 23.27
CA SER A 206 -25.07 4.58 24.22
C SER A 206 -25.00 3.13 24.71
N ILE A 207 -23.87 2.81 25.34
CA ILE A 207 -23.63 1.51 25.95
C ILE A 207 -23.08 1.77 27.36
N SER A 208 -22.92 0.71 28.13
CA SER A 208 -22.33 0.81 29.46
C SER A 208 -20.82 0.64 29.38
N GLU A 209 -20.11 1.32 30.29
CA GLU A 209 -18.66 1.17 30.36
C GLU A 209 -18.27 -0.29 30.54
N SER A 210 -19.08 -1.06 31.26
CA SER A 210 -18.76 -2.48 31.46
C SER A 210 -18.78 -3.24 30.14
N THR A 211 -19.63 -2.83 29.20
CA THR A 211 -19.70 -3.52 27.91
C THR A 211 -18.60 -3.07 26.97
N VAL A 212 -18.22 -1.79 27.01
CA VAL A 212 -17.04 -1.35 26.27
C VAL A 212 -15.82 -2.10 26.76
N ASN A 213 -15.62 -2.12 28.08
CA ASN A 213 -14.54 -2.89 28.68
C ASN A 213 -14.70 -4.39 28.47
N PHE A 214 -15.87 -4.83 28.00
CA PHE A 214 -16.12 -6.24 27.73
C PHE A 214 -15.65 -6.64 26.33
N HIS A 215 -15.92 -5.80 25.33
CA HIS A 215 -15.38 -6.05 24.00
C HIS A 215 -13.86 -5.95 24.00
N HIS A 216 -13.32 -4.93 24.69
CA HIS A 216 -11.87 -4.80 24.81
C HIS A 216 -11.24 -6.13 25.23
N LYS A 217 -11.77 -6.74 26.29
CA LYS A 217 -11.20 -8.00 26.76
C LYS A 217 -11.20 -9.06 25.67
N ASN A 218 -12.13 -8.98 24.72
CA ASN A 218 -12.19 -9.93 23.63
C ASN A 218 -11.28 -9.53 22.47
N ILE A 219 -11.15 -8.22 22.21
CA ILE A 219 -10.22 -7.77 21.18
C ILE A 219 -8.79 -8.12 21.58
N GLN A 220 -8.39 -7.74 22.79
CA GLN A 220 -7.04 -8.08 23.25
C GLN A 220 -6.83 -9.58 23.29
N LYS A 221 -7.90 -10.37 23.42
CA LYS A 221 -7.77 -11.82 23.28
C LYS A 221 -7.60 -12.24 21.83
N LYS A 222 -8.19 -11.48 20.89
CA LYS A 222 -8.05 -11.79 19.47
C LYS A 222 -6.69 -11.38 18.92
N PHE A 223 -6.00 -10.45 19.57
CA PHE A 223 -4.65 -10.08 19.20
C PHE A 223 -3.59 -10.63 20.13
N ASP A 224 -4.00 -11.39 21.17
CA ASP A 224 -3.08 -11.83 22.21
C ASP A 224 -2.39 -10.62 22.86
N ALA A 225 -3.15 -9.55 23.04
CA ALA A 225 -2.61 -8.25 23.43
C ALA A 225 -2.60 -8.09 24.94
N PRO A 226 -1.58 -7.40 25.49
CA PRO A 226 -1.59 -7.10 26.92
C PRO A 226 -2.51 -5.93 27.25
N ASN A 227 -2.52 -4.92 26.40
CA ASN A 227 -3.30 -3.71 26.59
C ASN A 227 -4.06 -3.37 25.32
N LYS A 228 -4.78 -2.24 25.35
CA LYS A 228 -5.51 -1.80 24.18
C LYS A 228 -4.59 -1.25 23.09
N THR A 229 -3.37 -0.84 23.45
CA THR A 229 -2.53 -0.15 22.49
C THR A 229 -1.98 -1.12 21.44
N LEU A 230 -1.61 -2.33 21.85
CA LEU A 230 -1.20 -3.32 20.86
C LEU A 230 -2.32 -3.63 19.90
N ALA A 231 -3.54 -3.76 20.42
CA ALA A 231 -4.68 -4.07 19.56
C ALA A 231 -4.90 -2.98 18.53
N ALA A 232 -4.95 -1.73 18.97
CA ALA A 232 -5.20 -0.62 18.05
C ALA A 232 -4.08 -0.48 17.03
N ALA A 233 -2.82 -0.60 17.48
CA ALA A 233 -1.69 -0.42 16.57
C ALA A 233 -1.60 -1.58 15.58
N TYR A 234 -1.72 -2.81 16.08
CA TYR A 234 -1.67 -3.97 15.18
C TYR A 234 -2.80 -3.92 14.17
N ALA A 235 -4.03 -3.64 14.63
CA ALA A 235 -5.16 -3.60 13.71
C ALA A 235 -4.99 -2.50 12.66
N ALA A 236 -4.38 -1.38 13.04
CA ALA A 236 -4.15 -0.31 12.07
C ALA A 236 -3.11 -0.72 11.02
N ALA A 237 -2.12 -1.51 11.41
CA ALA A 237 -1.09 -1.94 10.47
C ALA A 237 -1.61 -2.98 9.50
N LEU A 238 -2.52 -3.84 9.94
CA LEU A 238 -3.09 -4.88 9.09
C LEU A 238 -4.28 -4.41 8.27
N GLY A 239 -4.63 -3.13 8.35
CA GLY A 239 -5.78 -2.63 7.61
C GLY A 239 -7.11 -3.08 8.15
N LEU A 240 -7.17 -3.45 9.43
CA LEU A 240 -8.37 -4.00 10.03
C LEU A 240 -9.29 -2.94 10.63
N ILE A 241 -8.81 -1.71 10.82
CA ILE A 241 -9.67 -0.63 11.28
C ILE A 241 -9.56 0.55 10.30
N GLY B 6 0.47 2.70 -29.81
CA GLY B 6 1.10 1.68 -28.98
C GLY B 6 1.13 2.07 -27.52
N PHE B 7 0.79 1.11 -26.65
CA PHE B 7 0.79 1.36 -25.21
C PHE B 7 2.01 2.16 -24.78
N LEU B 8 3.20 1.70 -25.19
CA LEU B 8 4.43 2.36 -24.77
C LEU B 8 4.52 3.77 -25.35
N ASP B 9 4.22 3.92 -26.64
CA ASP B 9 4.15 5.25 -27.23
C ASP B 9 3.17 6.13 -26.47
N TRP B 10 2.01 5.57 -26.12
CA TRP B 10 1.05 6.32 -25.29
C TRP B 10 1.65 6.64 -23.93
N TRP B 11 2.19 5.62 -23.26
CA TRP B 11 2.86 5.86 -21.99
C TRP B 11 3.91 6.95 -22.12
N GLU B 12 4.79 6.83 -23.11
CA GLU B 12 5.85 7.82 -23.29
C GLU B 12 5.28 9.18 -23.63
N ASP B 13 4.33 9.23 -24.57
CA ASP B 13 3.75 10.51 -24.97
C ASP B 13 2.95 11.13 -23.82
N LEU B 14 2.30 10.30 -23.00
CA LEU B 14 1.60 10.81 -21.83
C LEU B 14 2.58 11.29 -20.76
N ARG B 15 3.68 10.54 -20.58
CA ARG B 15 4.66 10.90 -19.56
C ARG B 15 5.32 12.24 -19.88
N SER B 16 5.79 12.40 -21.12
CA SER B 16 6.38 13.67 -21.52
C SER B 16 5.35 14.80 -21.45
N GLU B 17 4.08 14.49 -21.75
CA GLU B 17 3.03 15.49 -21.62
C GLU B 17 2.74 15.80 -20.16
N MET B 18 2.90 14.82 -19.27
CA MET B 18 2.58 15.03 -17.85
C MET B 18 3.69 15.79 -17.15
N GLN B 19 4.94 15.37 -17.34
CA GLN B 19 6.07 16.07 -16.74
C GLN B 19 6.13 17.53 -17.20
N SER B 20 5.53 17.84 -18.36
CA SER B 20 5.48 19.21 -18.84
C SER B 20 4.45 20.06 -18.12
N ILE B 21 3.47 19.43 -17.46
CA ILE B 21 2.41 20.18 -16.81
C ILE B 21 2.97 20.94 -15.61
N THR B 22 2.38 22.11 -15.35
CA THR B 22 2.83 22.94 -14.24
C THR B 22 1.66 23.51 -13.44
N ASP B 23 0.45 22.96 -13.60
CA ASP B 23 -0.72 23.47 -12.90
C ASP B 23 -1.65 22.31 -12.60
N SER B 24 -2.50 22.50 -11.58
CA SER B 24 -3.28 21.40 -11.03
C SER B 24 -4.57 21.13 -11.79
N GLN B 25 -5.12 22.12 -12.50
CA GLN B 25 -6.30 21.88 -13.31
C GLN B 25 -5.96 21.37 -14.70
N GLU B 26 -4.71 21.53 -15.14
CA GLU B 26 -4.31 20.99 -16.43
C GLU B 26 -4.14 19.48 -16.39
N VAL B 27 -3.87 18.91 -15.21
CA VAL B 27 -3.66 17.46 -15.13
C VAL B 27 -4.98 16.73 -15.31
N PHE B 28 -6.06 17.26 -14.74
CA PHE B 28 -7.37 16.64 -14.94
C PHE B 28 -7.86 16.81 -16.37
N ALA B 29 -7.39 17.84 -17.07
CA ALA B 29 -7.74 17.99 -18.48
C ALA B 29 -7.13 16.86 -19.31
N VAL B 30 -5.84 16.58 -19.11
CA VAL B 30 -5.21 15.47 -19.80
C VAL B 30 -5.86 14.15 -19.37
N LEU B 31 -6.20 14.03 -18.09
CA LEU B 31 -6.85 12.82 -17.60
C LEU B 31 -8.19 12.62 -18.30
N GLU B 32 -8.99 13.67 -18.40
CA GLU B 32 -10.25 13.58 -19.13
C GLU B 32 -10.00 13.12 -20.56
N LYS B 33 -8.95 13.64 -21.20
CA LYS B 33 -8.64 13.22 -22.56
C LYS B 33 -8.25 11.75 -22.63
N GLU B 34 -7.64 11.23 -21.56
CA GLU B 34 -7.21 9.84 -21.57
C GLU B 34 -8.36 8.89 -21.26
N VAL B 35 -9.31 9.31 -20.43
CA VAL B 35 -10.45 8.46 -20.12
C VAL B 35 -11.29 8.21 -21.38
N ARG B 36 -11.50 9.25 -22.18
CA ARG B 36 -12.19 9.07 -23.46
C ARG B 36 -11.36 8.20 -24.40
N ARG B 37 -10.03 8.30 -24.31
CA ARG B 37 -9.17 7.48 -25.16
C ARG B 37 -9.34 5.99 -24.83
N LEU B 38 -9.53 5.68 -23.55
CA LEU B 38 -9.74 4.30 -23.10
C LEU B 38 -11.14 3.79 -23.43
N GLY B 39 -11.99 4.61 -24.02
CA GLY B 39 -13.34 4.20 -24.36
C GLY B 39 -14.35 4.40 -23.26
N PHE B 40 -14.24 5.48 -22.49
CA PHE B 40 -15.15 5.75 -21.40
C PHE B 40 -15.53 7.22 -21.42
N ASP B 41 -16.63 7.54 -20.73
CA ASP B 41 -17.20 8.89 -20.79
C ASP B 41 -16.77 9.77 -19.63
N TYR B 42 -16.86 9.28 -18.40
CA TYR B 42 -16.55 10.09 -17.23
C TYR B 42 -15.62 9.31 -16.29
N TYR B 43 -14.96 10.05 -15.40
CA TYR B 43 -13.99 9.50 -14.46
C TYR B 43 -14.26 10.06 -13.07
N ALA B 44 -13.52 9.55 -12.09
CA ALA B 44 -13.61 10.03 -10.72
C ALA B 44 -12.33 9.65 -10.00
N TYR B 45 -11.75 10.61 -9.29
CA TYR B 45 -10.54 10.39 -8.49
C TYR B 45 -10.87 10.67 -7.03
N CYS B 46 -10.68 9.67 -6.18
CA CYS B 46 -10.96 9.79 -4.75
C CYS B 46 -9.72 9.43 -3.96
N VAL B 47 -9.26 10.34 -3.12
CA VAL B 47 -8.12 10.13 -2.24
C VAL B 47 -8.64 9.95 -0.83
N ARG B 48 -8.20 8.88 -0.16
CA ARG B 48 -8.70 8.51 1.16
C ARG B 48 -7.53 8.40 2.13
N HIS B 49 -7.39 9.40 2.99
CA HIS B 49 -6.39 9.34 4.04
C HIS B 49 -6.79 8.31 5.08
N PRO B 50 -5.81 7.71 5.79
CA PRO B 50 -6.15 6.65 6.74
C PRO B 50 -6.63 7.14 8.10
N ILE B 51 -6.50 8.42 8.39
CA ILE B 51 -6.91 8.95 9.71
C ILE B 51 -7.68 10.24 9.50
N PRO B 52 -8.62 10.54 10.42
CA PRO B 52 -9.03 9.77 11.60
C PRO B 52 -9.76 8.47 11.25
N PHE B 53 -9.61 7.47 12.11
CA PHE B 53 -10.15 6.14 11.81
C PHE B 53 -11.67 6.12 11.72
N THR B 54 -12.36 7.08 12.32
CA THR B 54 -13.81 7.09 12.33
C THR B 54 -14.41 8.00 11.26
N ARG B 55 -13.72 9.08 10.89
CA ARG B 55 -14.17 9.98 9.82
C ARG B 55 -12.94 10.40 9.03
N PRO B 56 -12.43 9.52 8.17
CA PRO B 56 -11.16 9.81 7.50
C PRO B 56 -11.32 10.91 6.46
N ARG B 57 -10.26 11.72 6.33
CA ARG B 57 -10.23 12.75 5.30
C ARG B 57 -10.39 12.11 3.93
N ILE B 58 -11.33 12.62 3.15
CA ILE B 58 -11.63 12.10 1.82
C ILE B 58 -11.80 13.26 0.87
N PHE B 59 -11.03 13.25 -0.22
CA PHE B 59 -11.16 14.24 -1.29
C PHE B 59 -11.67 13.55 -2.54
N MET B 60 -12.52 14.24 -3.29
CA MET B 60 -13.15 13.66 -4.46
C MET B 60 -13.17 14.67 -5.60
N PHE B 61 -12.66 14.27 -6.76
CA PHE B 61 -12.71 15.07 -7.97
C PHE B 61 -13.09 14.18 -9.14
N GLY B 62 -13.85 14.73 -10.07
CA GLY B 62 -14.29 13.97 -11.22
C GLY B 62 -15.21 14.80 -12.08
N ASN B 63 -15.43 14.31 -13.30
CA ASN B 63 -16.28 14.98 -14.28
C ASN B 63 -17.57 14.21 -14.51
N TYR B 64 -18.11 13.61 -13.45
CA TYR B 64 -19.45 13.04 -13.53
C TYR B 64 -20.46 14.16 -13.79
N PRO B 65 -21.60 13.84 -14.38
CA PRO B 65 -22.64 14.87 -14.58
C PRO B 65 -23.02 15.52 -13.27
N PRO B 66 -23.17 16.86 -13.25
CA PRO B 66 -23.40 17.53 -11.95
C PRO B 66 -24.66 17.08 -11.24
N ALA B 67 -25.66 16.57 -11.96
CA ALA B 67 -26.86 16.05 -11.30
C ALA B 67 -26.49 14.89 -10.38
N TRP B 68 -25.75 13.92 -10.90
CA TRP B 68 -25.30 12.79 -10.08
C TRP B 68 -24.38 13.26 -8.96
N GLN B 69 -23.50 14.22 -9.25
CA GLN B 69 -22.58 14.71 -8.23
C GLN B 69 -23.33 15.25 -7.02
N GLU B 70 -24.50 15.86 -7.23
CA GLU B 70 -25.30 16.37 -6.13
C GLU B 70 -26.06 15.24 -5.44
N HIS B 71 -26.76 14.41 -6.22
CA HIS B 71 -27.42 13.25 -5.67
C HIS B 71 -26.46 12.41 -4.84
N TYR B 72 -25.27 12.17 -5.35
CA TYR B 72 -24.29 11.38 -4.61
C TYR B 72 -23.97 12.02 -3.27
N GLN B 73 -23.68 13.33 -3.28
CA GLN B 73 -23.35 14.03 -2.05
C GLN B 73 -24.54 14.10 -1.10
N ALA B 74 -25.76 14.03 -1.63
CA ALA B 74 -26.95 14.17 -0.79
C ALA B 74 -27.21 12.93 0.04
N GLN B 75 -26.84 11.76 -0.47
CA GLN B 75 -27.14 10.49 0.21
C GLN B 75 -25.97 9.95 1.01
N ASN B 76 -24.87 10.69 1.11
CA ASN B 76 -23.67 10.22 1.80
C ASN B 76 -23.25 8.85 1.28
N TYR B 77 -23.34 8.68 -0.04
CA TYR B 77 -23.01 7.40 -0.65
C TYR B 77 -21.54 7.03 -0.43
N PHE B 78 -20.68 8.00 -0.13
CA PHE B 78 -19.28 7.71 0.14
C PHE B 78 -19.10 6.79 1.34
N ALA B 79 -20.08 6.75 2.25
CA ALA B 79 -19.95 5.92 3.44
C ALA B 79 -20.18 4.45 3.16
N ILE B 80 -20.97 4.12 2.13
CA ILE B 80 -21.31 2.73 1.82
C ILE B 80 -20.91 2.36 0.39
N ASP B 81 -20.10 3.17 -0.26
CA ASP B 81 -19.68 2.86 -1.62
C ASP B 81 -18.66 1.73 -1.62
N PRO B 82 -18.94 0.59 -2.23
CA PRO B 82 -17.98 -0.52 -2.21
C PRO B 82 -16.78 -0.31 -3.12
N THR B 83 -16.76 0.74 -3.93
CA THR B 83 -15.64 0.99 -4.83
C THR B 83 -14.57 1.88 -4.22
N ILE B 84 -14.78 2.41 -3.02
CA ILE B 84 -13.79 3.26 -2.38
C ILE B 84 -13.54 2.80 -0.95
N ARG B 85 -13.77 1.52 -0.67
CA ARG B 85 -13.48 0.97 0.64
C ARG B 85 -12.07 0.41 0.68
N HIS B 86 -11.36 0.69 1.77
CA HIS B 86 -9.99 0.21 1.94
C HIS B 86 -9.97 -1.31 2.02
N CYS B 87 -10.22 -1.97 0.89
CA CYS B 87 -10.32 -3.41 0.81
C CYS B 87 -9.12 -3.98 0.03
N LEU B 88 -9.19 -5.27 -0.27
CA LEU B 88 -8.12 -6.00 -0.96
C LEU B 88 -8.67 -6.47 -2.31
N ARG B 89 -8.68 -5.56 -3.28
CA ARG B 89 -9.07 -5.94 -4.63
C ARG B 89 -8.11 -7.00 -5.16
N SER B 90 -8.66 -7.98 -5.88
CA SER B 90 -7.86 -9.12 -6.33
C SER B 90 -6.64 -8.66 -7.12
N GLY B 91 -6.80 -7.63 -7.94
CA GLY B 91 -5.68 -7.08 -8.68
C GLY B 91 -5.60 -5.58 -8.56
N ASN B 92 -5.91 -5.06 -7.37
CA ASN B 92 -6.04 -3.61 -7.16
C ASN B 92 -7.02 -3.02 -8.17
N HIS B 93 -8.01 -3.82 -8.57
CA HIS B 93 -8.84 -3.48 -9.71
C HIS B 93 -10.11 -4.32 -9.64
N ILE B 94 -11.24 -3.69 -9.98
CA ILE B 94 -12.53 -4.36 -9.91
C ILE B 94 -13.44 -3.77 -10.97
N VAL B 95 -14.10 -4.64 -11.73
CA VAL B 95 -15.07 -4.23 -12.73
C VAL B 95 -16.45 -4.26 -12.09
N TRP B 96 -17.21 -3.18 -12.29
CA TRP B 96 -18.50 -3.04 -11.63
C TRP B 96 -19.45 -4.16 -12.04
N SER B 97 -20.07 -4.79 -11.05
CA SER B 97 -21.08 -5.81 -11.28
C SER B 97 -22.13 -5.69 -10.19
N ASP B 98 -23.29 -6.31 -10.45
CA ASP B 98 -24.36 -6.28 -9.45
C ASP B 98 -23.92 -6.98 -8.17
N ASP B 99 -23.01 -7.93 -8.26
CA ASP B 99 -22.49 -8.59 -7.07
C ASP B 99 -21.68 -7.62 -6.22
N LEU B 100 -20.88 -6.76 -6.88
CA LEU B 100 -20.08 -5.79 -6.14
C LEU B 100 -20.95 -4.86 -5.31
N PHE B 101 -22.17 -4.58 -5.77
CA PHE B 101 -23.09 -3.67 -5.10
C PHE B 101 -24.22 -4.42 -4.39
N ALA B 102 -23.96 -5.64 -3.95
CA ALA B 102 -24.99 -6.41 -3.27
C ALA B 102 -25.37 -5.75 -1.95
N ASP B 103 -24.39 -5.27 -1.19
CA ASP B 103 -24.63 -4.58 0.07
C ASP B 103 -24.84 -3.08 -0.11
N ALA B 104 -25.20 -2.65 -1.32
CA ALA B 104 -25.44 -1.24 -1.60
C ALA B 104 -26.35 -1.11 -2.82
N GLN B 105 -27.57 -1.61 -2.72
CA GLN B 105 -28.44 -1.67 -3.90
C GLN B 105 -28.99 -0.31 -4.27
N GLU B 106 -29.24 0.56 -3.29
CA GLU B 106 -29.78 1.87 -3.60
C GLU B 106 -28.79 2.71 -4.38
N LEU B 107 -27.49 2.46 -4.21
CA LEU B 107 -26.48 3.21 -4.95
C LEU B 107 -26.36 2.69 -6.37
N TRP B 108 -26.35 1.36 -6.55
CA TRP B 108 -26.26 0.78 -7.87
C TRP B 108 -27.52 1.08 -8.69
N ASP B 109 -28.69 1.02 -8.06
CA ASP B 109 -29.92 1.35 -8.76
C ASP B 109 -29.94 2.81 -9.19
N ASP B 110 -29.53 3.71 -8.29
CA ASP B 110 -29.47 5.13 -8.64
C ASP B 110 -28.43 5.39 -9.72
N ALA B 111 -27.33 4.63 -9.72
CA ALA B 111 -26.25 4.89 -10.66
C ALA B 111 -26.66 4.55 -12.09
N ARG B 112 -27.15 3.32 -12.31
CA ARG B 112 -27.59 2.95 -13.65
C ARG B 112 -28.71 3.85 -14.14
N ASP B 113 -29.56 4.35 -13.23
CA ASP B 113 -30.61 5.28 -13.64
C ASP B 113 -30.02 6.55 -14.23
N TYR B 114 -28.95 7.07 -13.62
CA TYR B 114 -28.32 8.29 -14.07
C TYR B 114 -27.33 8.05 -15.22
N GLY B 115 -27.28 6.84 -15.76
CA GLY B 115 -26.51 6.58 -16.96
C GLY B 115 -25.15 5.95 -16.74
N LEU B 116 -24.81 5.57 -15.51
CA LEU B 116 -23.50 4.99 -15.20
C LEU B 116 -23.69 3.49 -15.03
N ARG B 117 -23.86 2.81 -16.17
CA ARG B 117 -24.26 1.41 -16.15
C ARG B 117 -23.09 0.42 -16.22
N HIS B 118 -21.92 0.87 -16.64
CA HIS B 118 -20.76 -0.01 -16.74
C HIS B 118 -19.51 0.78 -16.39
N GLY B 119 -18.62 0.16 -15.63
CA GLY B 119 -17.40 0.85 -15.22
C GLY B 119 -16.53 -0.04 -14.37
N ALA B 120 -15.44 0.55 -13.88
CA ALA B 120 -14.45 -0.16 -13.07
C ALA B 120 -13.66 0.84 -12.25
N THR B 121 -13.06 0.36 -11.17
CA THR B 121 -12.31 1.19 -10.25
C THR B 121 -10.96 0.55 -9.95
N HIS B 122 -9.90 1.35 -9.99
CA HIS B 122 -8.55 0.91 -9.68
C HIS B 122 -8.06 1.62 -8.42
N SER B 123 -7.34 0.89 -7.58
CA SER B 123 -6.87 1.43 -6.30
C SER B 123 -5.37 1.20 -6.15
N CYS B 124 -4.64 2.27 -5.84
CA CYS B 124 -3.24 2.18 -5.44
C CYS B 124 -3.12 2.64 -4.01
N MET B 125 -2.14 2.08 -3.29
CA MET B 125 -1.90 2.42 -1.90
C MET B 125 -0.46 2.90 -1.75
N ALA B 126 -0.28 4.20 -1.57
CA ALA B 126 1.04 4.72 -1.25
C ALA B 126 1.48 4.18 0.11
N PRO B 127 2.76 3.85 0.30
CA PRO B 127 3.19 3.29 1.60
C PRO B 127 3.29 4.32 2.71
N ASN B 128 2.46 5.37 2.64
CA ASN B 128 2.32 6.34 3.72
C ASN B 128 0.86 6.46 4.15
N GLY B 129 0.13 5.35 4.06
CA GLY B 129 -1.24 5.29 4.50
C GLY B 129 -2.26 5.73 3.46
N VAL B 130 -1.93 6.70 2.63
CA VAL B 130 -2.90 7.25 1.69
C VAL B 130 -3.23 6.22 0.61
N MET B 131 -4.51 6.04 0.35
CA MET B 131 -4.98 5.19 -0.73
C MET B 131 -5.63 6.05 -1.81
N GLY B 132 -5.50 5.62 -3.05
CA GLY B 132 -6.05 6.34 -4.18
C GLY B 132 -7.00 5.47 -4.97
N PHE B 133 -8.04 6.09 -5.54
CA PHE B 133 -9.05 5.38 -6.30
C PHE B 133 -9.28 6.11 -7.62
N LEU B 134 -9.39 5.34 -8.70
CA LEU B 134 -9.71 5.88 -10.01
C LEU B 134 -10.85 5.07 -10.61
N SER B 135 -11.95 5.73 -10.91
CA SER B 135 -13.11 5.09 -11.51
C SER B 135 -13.34 5.62 -12.91
N VAL B 136 -13.86 4.76 -13.78
CA VAL B 136 -14.26 5.13 -15.12
C VAL B 136 -15.66 4.57 -15.36
N ALA B 137 -16.45 5.30 -16.16
CA ALA B 137 -17.83 4.92 -16.37
C ALA B 137 -18.30 5.36 -17.75
N ARG B 138 -19.22 4.58 -18.31
CA ARG B 138 -19.85 4.90 -19.58
C ARG B 138 -21.27 4.34 -19.55
N SER B 139 -22.02 4.55 -20.63
CA SER B 139 -23.44 4.21 -20.65
C SER B 139 -23.70 2.97 -21.51
N SER B 140 -23.48 3.05 -22.82
CA SER B 140 -24.03 2.06 -23.74
C SER B 140 -23.24 0.75 -23.71
N PRO B 141 -21.99 0.73 -24.16
CA PRO B 141 -21.31 -0.56 -24.36
C PRO B 141 -20.76 -1.13 -23.06
N ALA B 142 -21.13 -2.39 -22.79
CA ALA B 142 -20.60 -3.07 -21.62
C ALA B 142 -19.12 -3.37 -21.79
N ILE B 143 -18.48 -3.75 -20.69
CA ILE B 143 -17.04 -4.02 -20.69
C ILE B 143 -16.82 -5.39 -21.32
N SER B 144 -16.18 -5.43 -22.49
CA SER B 144 -15.95 -6.68 -23.21
C SER B 144 -14.79 -7.44 -22.58
N PRO B 145 -14.89 -8.77 -22.44
CA PRO B 145 -13.75 -9.53 -21.89
C PRO B 145 -12.47 -9.37 -22.68
N HIS B 146 -12.54 -9.02 -23.97
CA HIS B 146 -11.32 -8.84 -24.74
C HIS B 146 -10.54 -7.61 -24.27
N GLU B 147 -11.24 -6.55 -23.89
CA GLU B 147 -10.62 -5.31 -23.47
C GLU B 147 -10.43 -5.22 -21.95
N ARG B 148 -10.75 -6.29 -21.21
CA ARG B 148 -10.69 -6.22 -19.76
C ARG B 148 -9.26 -6.01 -19.26
N GLU B 149 -8.35 -6.92 -19.62
CA GLU B 149 -6.99 -6.86 -19.10
C GLU B 149 -6.30 -5.57 -19.52
N GLU B 150 -6.32 -5.26 -20.82
CA GLU B 150 -5.69 -4.03 -21.29
C GLU B 150 -6.27 -2.81 -20.56
N LEU B 151 -7.54 -2.84 -20.21
CA LEU B 151 -8.11 -1.81 -19.36
C LEU B 151 -7.45 -1.81 -17.99
N ARG B 152 -7.27 -3.00 -17.41
CA ARG B 152 -6.68 -3.10 -16.08
C ARG B 152 -5.27 -2.53 -16.07
N LEU B 153 -4.47 -2.83 -17.10
CA LEU B 153 -3.12 -2.29 -17.14
C LEU B 153 -3.13 -0.79 -17.45
N ARG B 154 -3.99 -0.36 -18.36
CA ARG B 154 -4.00 1.05 -18.74
C ARG B 154 -4.41 1.94 -17.58
N MET B 155 -5.29 1.47 -16.70
CA MET B 155 -5.72 2.29 -15.57
C MET B 155 -4.69 2.29 -14.45
N ARG B 156 -3.94 1.20 -14.29
CA ARG B 156 -2.89 1.16 -13.27
C ARG B 156 -1.79 2.16 -13.59
N CYS B 157 -1.54 2.42 -14.88
CA CYS B 157 -0.56 3.43 -15.24
C CYS B 157 -1.12 4.84 -15.02
N LEU B 158 -2.41 5.03 -15.27
CA LEU B 158 -3.01 6.34 -15.09
C LEU B 158 -3.01 6.74 -13.62
N ILE B 159 -3.48 5.85 -12.74
CA ILE B 159 -3.59 6.19 -11.32
C ILE B 159 -2.20 6.46 -10.74
N GLU B 160 -1.22 5.60 -11.05
CA GLU B 160 0.13 5.80 -10.54
C GLU B 160 0.72 7.10 -11.05
N LEU B 161 0.62 7.34 -12.37
CA LEU B 161 1.08 8.59 -12.94
C LEU B 161 0.39 9.78 -12.29
N LEU B 162 -0.93 9.70 -12.13
CA LEU B 162 -1.68 10.78 -11.51
C LEU B 162 -1.24 10.98 -10.06
N HIS B 163 -1.02 9.89 -9.33
CA HIS B 163 -0.51 9.99 -7.97
C HIS B 163 0.85 10.66 -7.93
N GLN B 164 1.75 10.27 -8.84
CA GLN B 164 3.11 10.82 -8.81
C GLN B 164 3.12 12.29 -9.19
N THR B 165 2.38 12.68 -10.22
CA THR B 165 2.43 14.07 -10.67
C THR B 165 1.72 15.00 -9.70
N LEU B 166 0.65 14.55 -9.06
CA LEU B 166 0.01 15.38 -8.04
C LEU B 166 0.89 15.52 -6.80
N THR B 167 1.70 14.51 -6.51
CA THR B 167 2.67 14.62 -5.42
C THR B 167 3.77 15.61 -5.80
N GLU B 168 4.32 15.49 -7.01
CA GLU B 168 5.38 16.40 -7.43
C GLU B 168 4.88 17.84 -7.49
N LEU B 169 3.59 18.04 -7.72
CA LEU B 169 3.00 19.37 -7.73
C LEU B 169 2.62 19.86 -6.34
N ASN B 170 2.81 19.03 -5.30
CA ASN B 170 2.49 19.40 -3.92
C ASN B 170 1.02 19.78 -3.78
N HIS B 171 0.15 18.89 -4.25
CA HIS B 171 -1.28 19.13 -4.14
C HIS B 171 -1.72 18.99 -2.68
N PRO B 172 -2.67 19.81 -2.22
CA PRO B 172 -3.12 19.69 -0.82
C PRO B 172 -3.83 18.38 -0.54
N SER B 173 -4.59 17.85 -1.50
CA SER B 173 -5.34 16.62 -1.26
C SER B 173 -4.44 15.43 -0.94
N LEU B 174 -3.14 15.52 -1.26
CA LEU B 174 -2.20 14.46 -0.94
C LEU B 174 -1.30 14.80 0.25
N GLN B 175 -1.13 16.09 0.56
CA GLN B 175 -0.26 16.50 1.65
C GLN B 175 -0.95 16.17 2.98
N SER B 176 -0.35 15.26 3.74
CA SER B 176 -0.83 14.88 5.05
C SER B 176 -0.09 15.66 6.13
N ASN B 177 -0.64 15.65 7.33
CA ASN B 177 -0.02 16.33 8.46
C ASN B 177 1.39 15.80 8.66
N PRO B 178 2.43 16.62 8.52
CA PRO B 178 3.80 16.10 8.67
C PRO B 178 4.15 15.89 10.13
N VAL B 179 4.70 14.72 10.43
CA VAL B 179 5.04 14.32 11.79
C VAL B 179 6.55 14.10 11.86
N CYS B 180 7.22 14.91 12.67
CA CYS B 180 8.69 14.85 12.81
C CYS B 180 9.02 13.95 13.99
N LEU B 181 9.32 12.69 13.71
CA LEU B 181 9.60 11.70 14.74
C LEU B 181 11.10 11.44 14.81
N SER B 182 11.65 11.51 16.01
CA SER B 182 13.07 11.30 16.22
C SER B 182 13.39 9.80 16.30
N HIS B 183 14.67 9.48 16.16
CA HIS B 183 15.08 8.08 16.14
C HIS B 183 14.86 7.42 17.49
N ARG B 184 15.11 8.15 18.58
CA ARG B 184 14.85 7.63 19.91
C ARG B 184 13.35 7.59 20.19
N GLU B 185 12.65 8.68 19.89
CA GLU B 185 11.19 8.70 20.02
C GLU B 185 10.56 7.54 19.26
N ARG B 186 11.06 7.28 18.05
CA ARG B 186 10.48 6.23 17.21
C ARG B 186 10.66 4.86 17.87
N GLU B 187 11.87 4.57 18.35
CA GLU B 187 12.14 3.24 18.91
C GLU B 187 11.29 2.96 20.14
N ILE B 188 10.98 4.00 20.93
CA ILE B 188 10.08 3.81 22.06
C ILE B 188 8.68 3.48 21.57
N LEU B 189 8.22 4.16 20.52
CA LEU B 189 6.84 3.99 20.07
C LEU B 189 6.62 2.62 19.44
N GLN B 190 7.65 2.01 18.87
CA GLN B 190 7.51 0.64 18.41
C GLN B 190 7.35 -0.31 19.59
N TRP B 191 8.09 -0.06 20.67
CA TRP B 191 7.95 -0.89 21.87
C TRP B 191 6.58 -0.69 22.51
N THR B 192 6.10 0.55 22.57
CA THR B 192 4.76 0.81 23.08
C THR B 192 3.72 0.10 22.23
N ALA B 193 3.79 0.27 20.91
CA ALA B 193 2.85 -0.37 20.02
C ALA B 193 2.98 -1.89 20.02
N ASP B 194 4.13 -2.41 20.46
CA ASP B 194 4.31 -3.85 20.57
C ASP B 194 3.88 -4.38 21.94
N GLY B 195 3.19 -3.56 22.74
CA GLY B 195 2.51 -4.03 23.93
C GLY B 195 3.24 -3.82 25.23
N LYS B 196 4.47 -3.32 25.20
CA LYS B 196 5.25 -3.17 26.42
C LYS B 196 4.78 -1.97 27.23
N SER B 197 4.80 -2.10 28.54
CA SER B 197 4.43 -1.02 29.44
C SER B 197 5.56 0.01 29.52
N SER B 198 5.25 1.16 30.12
CA SER B 198 6.27 2.19 30.29
C SER B 198 7.40 1.70 31.20
N GLY B 199 7.10 0.81 32.14
CA GLY B 199 8.15 0.25 32.98
C GLY B 199 8.99 -0.77 32.24
N GLU B 200 8.33 -1.65 31.49
CA GLU B 200 9.05 -2.66 30.71
C GLU B 200 10.02 -2.00 29.72
N ILE B 201 9.59 -0.91 29.08
CA ILE B 201 10.45 -0.26 28.09
C ILE B 201 11.71 0.28 28.75
N ALA B 202 11.60 0.79 29.97
CA ALA B 202 12.72 1.46 30.62
C ALA B 202 13.89 0.54 30.94
N ILE B 203 13.74 -0.78 30.77
CA ILE B 203 14.78 -1.70 31.18
C ILE B 203 15.63 -2.14 29.99
N ILE B 204 15.01 -2.26 28.81
CA ILE B 204 15.79 -2.58 27.62
C ILE B 204 16.70 -1.42 27.24
N LEU B 205 16.10 -0.24 27.04
CA LEU B 205 16.88 0.95 26.73
C LEU B 205 17.67 1.47 27.92
N SER B 206 17.51 0.86 29.09
CA SER B 206 18.28 1.24 30.28
C SER B 206 18.13 2.72 30.58
N ILE B 207 16.90 3.22 30.47
CA ILE B 207 16.58 4.61 30.77
C ILE B 207 15.62 4.64 31.95
N SER B 208 15.33 5.84 32.41
CA SER B 208 14.40 6.03 33.52
C SER B 208 12.96 6.01 33.01
N GLU B 209 12.06 5.51 33.87
CA GLU B 209 10.64 5.66 33.57
C GLU B 209 10.24 7.12 33.55
N SER B 210 10.97 7.97 34.26
CA SER B 210 10.70 9.40 34.26
C SER B 210 11.02 10.06 32.92
N THR B 211 11.66 9.34 32.00
CA THR B 211 12.00 9.87 30.69
C THR B 211 11.32 9.14 29.53
N VAL B 212 10.83 7.92 29.74
CA VAL B 212 10.00 7.29 28.71
C VAL B 212 8.64 7.99 28.65
N ASN B 213 8.15 8.45 29.80
CA ASN B 213 6.93 9.25 29.81
C ASN B 213 7.18 10.65 29.27
N PHE B 214 8.38 11.18 29.47
CA PHE B 214 8.75 12.46 28.86
C PHE B 214 8.67 12.38 27.35
N HIS B 215 9.28 11.34 26.76
CA HIS B 215 9.19 11.18 25.32
C HIS B 215 7.76 10.96 24.87
N HIS B 216 7.00 10.13 25.60
CA HIS B 216 5.59 9.96 25.30
C HIS B 216 4.86 11.29 25.25
N LYS B 217 5.09 12.13 26.27
CA LYS B 217 4.43 13.43 26.33
C LYS B 217 4.72 14.28 25.10
N ASN B 218 5.86 14.06 24.44
CA ASN B 218 6.20 14.81 23.24
C ASN B 218 5.63 14.15 21.98
N ILE B 219 5.63 12.82 21.91
CA ILE B 219 5.00 12.14 20.79
C ILE B 219 3.52 12.49 20.75
N GLN B 220 2.85 12.46 21.91
CA GLN B 220 1.43 12.81 21.95
C GLN B 220 1.21 14.26 21.52
N LYS B 221 2.20 15.13 21.70
CA LYS B 221 2.07 16.51 21.25
C LYS B 221 2.28 16.64 19.75
N LYS B 222 3.06 15.74 19.16
CA LYS B 222 3.27 15.77 17.71
C LYS B 222 2.09 15.16 16.95
N PHE B 223 1.30 14.32 17.60
CA PHE B 223 0.05 13.81 17.03
C PHE B 223 -1.18 14.53 17.57
N ASP B 224 -1.02 15.43 18.54
CA ASP B 224 -2.14 15.99 19.29
C ASP B 224 -3.01 14.87 19.86
N ALA B 225 -2.36 14.03 20.68
CA ALA B 225 -2.97 12.82 21.20
C ALA B 225 -3.30 12.96 22.68
N PRO B 226 -4.50 12.53 23.11
CA PRO B 226 -4.80 12.55 24.54
C PRO B 226 -4.11 11.43 25.30
N ASN B 227 -3.87 10.30 24.61
CA ASN B 227 -3.24 9.13 25.19
C ASN B 227 -2.14 8.65 24.25
N LYS B 228 -1.47 7.56 24.65
CA LYS B 228 -0.47 6.94 23.78
C LYS B 228 -1.12 6.12 22.67
N THR B 229 -2.32 5.59 22.93
CA THR B 229 -2.99 4.74 21.97
C THR B 229 -3.17 5.46 20.64
N LEU B 230 -3.66 6.70 20.66
CA LEU B 230 -3.83 7.44 19.42
C LEU B 230 -2.50 7.63 18.71
N ALA B 231 -1.43 7.86 19.46
CA ALA B 231 -0.12 8.07 18.85
C ALA B 231 0.39 6.79 18.19
N ALA B 232 0.32 5.67 18.91
CA ALA B 232 0.84 4.42 18.36
C ALA B 232 0.01 3.95 17.18
N ALA B 233 -1.30 4.11 17.25
CA ALA B 233 -2.17 3.66 16.15
C ALA B 233 -2.03 4.56 14.93
N TYR B 234 -1.96 5.88 15.15
CA TYR B 234 -1.75 6.80 14.03
C TYR B 234 -0.41 6.55 13.37
N ALA B 235 0.64 6.33 14.17
CA ALA B 235 1.97 6.11 13.60
C ALA B 235 1.99 4.84 12.77
N ALA B 236 1.34 3.77 13.24
CA ALA B 236 1.30 2.53 12.46
C ALA B 236 0.58 2.75 11.14
N ALA B 237 -0.53 3.49 11.16
CA ALA B 237 -1.29 3.72 9.94
C ALA B 237 -0.52 4.59 8.94
N LEU B 238 0.30 5.52 9.44
CA LEU B 238 1.07 6.40 8.58
C LEU B 238 2.40 5.79 8.14
N GLY B 239 2.68 4.56 8.55
CA GLY B 239 3.95 3.95 8.23
C GLY B 239 5.14 4.53 8.96
N LEU B 240 4.90 5.35 9.98
CA LEU B 240 5.97 6.01 10.71
C LEU B 240 6.69 5.09 11.69
N ILE B 241 6.14 3.91 11.98
CA ILE B 241 6.81 2.92 12.81
C ILE B 241 6.77 1.55 12.13
BR1 K5G C . 17.91 -14.86 -0.36
C02 K5G C . 18.89 -13.25 -0.27
C03 K5G C . 18.20 -12.05 -0.23
C04 K5G C . 18.93 -10.87 -0.18
C18 K5G C . 20.31 -10.89 -0.17
C19 K5G C . 20.98 -12.10 -0.21
C20 K5G C . 20.27 -13.29 -0.26
O05 K5G C . 18.26 -9.68 -0.13
C06 K5G C . 17.35 -9.37 -1.20
C07 K5G C . 16.67 -8.07 -0.88
C08 K5G C . 17.66 -6.94 -0.67
C09 K5G C . 18.51 -6.66 -1.89
O10 K5G C . 18.14 -6.99 -3.01
N11 K5G C . 19.67 -6.05 -1.67
C12 K5G C . 20.60 -5.75 -2.74
C13 K5G C . 21.21 -4.34 -2.69
C14 K5G C . 22.68 -4.41 -2.27
S15 K5G C . 23.29 -5.94 -2.94
C16 K5G C . 21.75 -6.76 -2.69
O17 K5G C . 21.63 -7.94 -2.51
H1 K5G C . 17.11 -12.03 -0.23
H2 K5G C . 20.93 -9.99 -0.14
H3 K5G C . 22.06 -12.12 -0.21
H4 K5G C . 20.79 -14.25 -0.29
H5 K5G C . 16.61 -10.16 -1.31
H6 K5G C . 17.90 -9.29 -2.14
H7 K5G C . 16.04 -8.18 0.00
H8 K5G C . 18.29 -7.18 0.19
H9 K5G C . 19.95 -5.75 -0.73
H10 K5G C . 20.16 -5.87 -3.74
H11 K5G C . 21.11 -3.85 -3.66
H12 K5G C . 20.64 -3.71 -2.01
H13 K5G C . 23.26 -3.58 -2.65
H14 K5G C . 22.80 -4.40 -1.19
H15 K5G C . 15.97 -7.81 -1.66
H16 K5G C . 17.11 -6.05 -0.38
BR1 K5G D . -16.86 14.52 -7.66
C02 K5G D . -17.75 12.85 -7.42
C03 K5G D . -16.99 11.71 -7.25
C04 K5G D . -17.65 10.51 -7.08
C18 K5G D . -19.03 10.44 -7.10
C19 K5G D . -19.76 11.60 -7.27
C20 K5G D . -19.13 12.82 -7.43
O05 K5G D . -16.96 9.32 -6.91
C06 K5G D . -17.57 8.31 -6.09
C07 K5G D . -16.53 7.30 -5.68
C08 K5G D . -15.94 6.54 -6.85
C09 K5G D . -16.95 6.10 -7.88
O10 K5G D . -16.85 6.42 -9.06
N11 K5G D . -17.97 5.36 -7.41
C12 K5G D . -19.01 4.86 -8.30
C13 K5G D . -19.78 3.62 -7.79
C14 K5G D . -20.93 3.43 -8.77
S15 K5G D . -21.55 5.10 -9.14
C16 K5G D . -20.11 5.90 -8.54
O17 K5G D . -20.00 7.07 -8.34
H1 K5G D . -15.91 11.75 -7.24
H2 K5G D . -19.59 9.52 -6.98
H3 K5G D . -20.86 11.56 -7.28
H4 K5G D . -19.71 13.73 -7.57
H5 K5G D . -18.01 8.77 -5.21
H6 K5G D . -18.36 7.83 -6.65
H7 K5G D . -16.97 6.60 -4.96
H8 K5G D . -15.39 5.67 -6.45
H9 K5G D . -18.06 5.10 -6.43
H10 K5G D . -18.57 4.64 -9.27
H11 K5G D . -19.14 2.75 -7.75
H12 K5G D . -20.13 3.76 -6.78
H13 K5G D . -20.63 2.95 -9.70
H14 K5G D . -21.74 2.83 -8.36
H15 K5G D . -15.74 7.78 -5.11
H16 K5G D . -15.18 7.16 -7.31
#